data_4BN7
#
_entry.id   4BN7
#
_cell.length_a   54.109
_cell.length_b   121.944
_cell.length_c   68.888
_cell.angle_alpha   90.00
_cell.angle_beta   90.00
_cell.angle_gamma   90.00
#
_symmetry.space_group_name_H-M   'C 2 2 21'
#
loop_
_entity.id
_entity.type
_entity.pdbx_description
1 polymer 'COPPER INDUCED NITROREDUCTASE D'
2 non-polymer 'FLAVIN MONONUCLEOTIDE'
3 non-polymer 2,6-bis(chloranyl)-4-[(4-hydroxyphenyl)amino]phenol
4 water water
#
_entity_poly.entity_id   1
_entity_poly.type   'polypeptide(L)'
_entity_poly.pdbx_seq_one_letter_code
;SFIKSLENRRTIYALGRNVQDEEKVIETIKEAVRFSPTAFNSQTGRLLILTGDAQDKLWDEIVAPELKAAMEAQGVPESA
WDNTRAKLDGFKAAFGTILFFEDQAVVKNLQEQFALYADNFPVWSEQGSGIISVNVWTALAELGLGANLQHYNPLIDEAV
AKEWNLPESWKLRGQLVFGSIEAPAGEKTFMDDADRFIVAK
;
_entity_poly.pdbx_strand_id   A
#
# COMPACT_ATOMS: atom_id res chain seq x y z
N SER A 1 -5.66 1.50 -22.87
CA SER A 1 -4.55 2.44 -22.77
C SER A 1 -4.08 2.58 -21.32
N PHE A 2 -2.90 3.16 -21.15
CA PHE A 2 -2.36 3.43 -19.83
C PHE A 2 -3.21 4.44 -19.07
N ILE A 3 -3.63 5.51 -19.75
CA ILE A 3 -4.47 6.50 -19.08
C ILE A 3 -5.79 5.85 -18.64
N LYS A 4 -6.39 5.01 -19.48
CA LYS A 4 -7.60 4.30 -19.08
C LYS A 4 -7.35 3.43 -17.84
N SER A 5 -6.18 2.79 -17.75
CA SER A 5 -5.86 1.99 -16.59
C SER A 5 -5.81 2.86 -15.34
N LEU A 6 -5.22 4.05 -15.45
CA LEU A 6 -5.17 4.97 -14.32
C LEU A 6 -6.57 5.40 -13.88
N GLU A 7 -7.41 5.72 -14.84
CA GLU A 7 -8.75 6.18 -14.54
C GLU A 7 -9.57 5.07 -13.89
N ASN A 8 -9.27 3.82 -14.25
CA ASN A 8 -10.00 2.67 -13.71
CA ASN A 8 -9.96 2.64 -13.71
C ASN A 8 -9.68 2.37 -12.24
N ARG A 9 -8.52 2.79 -11.77
CA ARG A 9 -8.16 2.58 -10.36
C ARG A 9 -8.96 3.55 -9.51
N ARG A 10 -9.66 3.02 -8.52
CA ARG A 10 -10.45 3.85 -7.62
C ARG A 10 -10.42 3.27 -6.21
N THR A 11 -10.73 4.11 -5.23
CA THR A 11 -10.92 3.66 -3.87
C THR A 11 -12.26 2.94 -3.76
N ILE A 12 -12.18 1.66 -3.38
CA ILE A 12 -13.35 0.81 -3.22
C ILE A 12 -13.36 0.32 -1.77
N TYR A 13 -14.36 0.76 -1.02
CA TYR A 13 -14.46 0.35 0.38
C TYR A 13 -15.24 -0.94 0.57
N ALA A 14 -16.18 -1.22 -0.33
CA ALA A 14 -17.01 -2.42 -0.20
C ALA A 14 -16.32 -3.57 -0.92
N LEU A 15 -15.57 -4.35 -0.17
CA LEU A 15 -14.75 -5.41 -0.73
C LEU A 15 -15.16 -6.78 -0.21
N GLY A 16 -15.03 -7.79 -1.08
CA GLY A 16 -15.33 -9.15 -0.70
C GLY A 16 -14.20 -10.10 -1.07
N ARG A 17 -14.50 -11.40 -1.06
CA ARG A 17 -13.48 -12.43 -1.24
C ARG A 17 -13.74 -13.29 -2.47
N ASN A 18 -14.46 -12.74 -3.44
CA ASN A 18 -14.78 -13.45 -4.66
C ASN A 18 -13.62 -13.29 -5.64
N VAL A 19 -12.50 -13.88 -5.29
CA VAL A 19 -11.24 -13.76 -6.03
C VAL A 19 -10.88 -15.11 -6.64
N GLN A 20 -10.77 -15.15 -7.97
CA GLN A 20 -10.72 -16.41 -8.69
C GLN A 20 -9.34 -17.07 -8.73
N ASP A 21 -8.30 -16.25 -8.81
CA ASP A 21 -6.96 -16.79 -9.04
C ASP A 21 -5.93 -16.06 -8.19
N GLU A 22 -5.74 -16.57 -6.99
CA GLU A 22 -4.97 -15.84 -5.99
C GLU A 22 -3.47 -15.83 -6.38
N GLU A 23 -3.01 -16.89 -7.05
CA GLU A 23 -1.64 -16.95 -7.55
C GLU A 23 -1.37 -15.79 -8.51
N LYS A 24 -2.30 -15.56 -9.42
CA LYS A 24 -2.18 -14.52 -10.43
C LYS A 24 -2.14 -13.14 -9.78
N VAL A 25 -2.95 -12.97 -8.73
CA VAL A 25 -2.94 -11.72 -7.99
C VAL A 25 -1.57 -11.46 -7.37
N ILE A 26 -1.02 -12.46 -6.69
CA ILE A 26 0.30 -12.33 -6.10
C ILE A 26 1.38 -12.03 -7.15
N GLU A 27 1.34 -12.72 -8.28
CA GLU A 27 2.28 -12.48 -9.36
CA GLU A 27 2.27 -12.49 -9.37
C GLU A 27 2.21 -11.04 -9.83
N THR A 28 0.99 -10.51 -9.94
CA THR A 28 0.80 -9.17 -10.43
C THR A 28 1.29 -8.12 -9.44
N ILE A 29 1.07 -8.37 -8.15
CA ILE A 29 1.54 -7.48 -7.11
C ILE A 29 3.06 -7.37 -7.19
N LYS A 30 3.72 -8.52 -7.30
CA LYS A 30 5.17 -8.56 -7.38
C LYS A 30 5.68 -7.82 -8.61
N GLU A 31 5.08 -8.07 -9.76
CA GLU A 31 5.47 -7.40 -11.00
C GLU A 31 5.32 -5.88 -10.90
N ALA A 32 4.24 -5.41 -10.29
CA ALA A 32 4.03 -3.97 -10.19
C ALA A 32 5.14 -3.29 -9.38
N VAL A 33 5.56 -3.94 -8.30
CA VAL A 33 6.66 -3.42 -7.49
C VAL A 33 7.98 -3.55 -8.23
N ARG A 34 8.21 -4.70 -8.84
CA ARG A 34 9.45 -4.96 -9.58
C ARG A 34 9.72 -3.86 -10.60
N PHE A 35 8.69 -3.47 -11.36
CA PHE A 35 8.90 -2.56 -12.46
C PHE A 35 8.70 -1.09 -12.09
N SER A 36 8.63 -0.81 -10.79
CA SER A 36 8.55 0.57 -10.30
C SER A 36 9.94 1.16 -10.10
N PRO A 37 10.14 2.41 -10.53
CA PRO A 37 11.46 3.02 -10.31
C PRO A 37 11.70 3.48 -8.86
N THR A 38 12.96 3.46 -8.44
CA THR A 38 13.39 3.97 -7.15
C THR A 38 14.74 4.67 -7.29
N ALA A 39 15.00 5.64 -6.43
CA ALA A 39 16.25 6.38 -6.49
C ALA A 39 17.43 5.41 -6.43
N PHE A 40 18.31 5.51 -7.42
CA PHE A 40 19.56 4.75 -7.45
C PHE A 40 19.28 3.26 -7.62
N ASN A 41 18.08 2.94 -8.10
CA ASN A 41 17.61 1.56 -8.18
C ASN A 41 17.74 0.88 -6.82
N SER A 42 17.48 1.63 -5.76
CA SER A 42 17.66 1.16 -4.39
C SER A 42 16.62 0.14 -3.94
N GLN A 43 15.47 0.11 -4.61
CA GLN A 43 14.45 -0.91 -4.35
C GLN A 43 14.17 -1.09 -2.86
N THR A 44 13.82 0.00 -2.18
CA THR A 44 13.69 0.01 -0.74
C THR A 44 12.35 -0.51 -0.25
N GLY A 45 11.41 -0.73 -1.15
CA GLY A 45 10.09 -1.20 -0.77
C GLY A 45 10.08 -2.65 -0.32
N ARG A 46 9.29 -2.95 0.72
CA ARG A 46 9.11 -4.31 1.20
C ARG A 46 7.62 -4.55 1.39
N LEU A 47 7.15 -5.76 1.09
CA LEU A 47 5.73 -6.06 1.21
C LEU A 47 5.46 -7.29 2.06
N LEU A 48 4.45 -7.17 2.90
CA LEU A 48 3.84 -8.32 3.56
C LEU A 48 2.42 -8.46 3.01
N ILE A 49 2.15 -9.59 2.36
CA ILE A 49 0.87 -9.81 1.71
C ILE A 49 0.10 -10.85 2.52
N LEU A 50 -1.03 -10.41 3.09
CA LEU A 50 -1.84 -11.25 3.97
C LEU A 50 -3.17 -11.62 3.34
N THR A 51 -3.48 -12.90 3.33
CA THR A 51 -4.82 -13.36 2.94
C THR A 51 -5.28 -14.39 3.95
N GLY A 52 -6.52 -14.86 3.78
CA GLY A 52 -7.05 -15.93 4.61
C GLY A 52 -6.95 -15.66 6.10
N ASP A 53 -6.44 -16.63 6.86
CA ASP A 53 -6.38 -16.52 8.31
C ASP A 53 -5.56 -15.32 8.75
N ALA A 54 -4.53 -14.99 7.97
CA ALA A 54 -3.64 -13.90 8.33
C ALA A 54 -4.36 -12.56 8.17
N GLN A 55 -5.22 -12.48 7.17
CA GLN A 55 -6.07 -11.31 6.96
C GLN A 55 -7.00 -11.11 8.16
N ASP A 56 -7.68 -12.17 8.59
CA ASP A 56 -8.54 -12.08 9.76
C ASP A 56 -7.75 -11.63 11.00
N LYS A 57 -6.57 -12.21 11.17
CA LYS A 57 -5.76 -11.92 12.35
C LYS A 57 -5.32 -10.47 12.39
N LEU A 58 -4.88 -9.92 11.27
CA LEU A 58 -4.45 -8.52 11.26
C LEU A 58 -5.53 -7.64 11.86
N TRP A 59 -6.75 -7.76 11.35
CA TRP A 59 -7.81 -6.82 11.71
C TRP A 59 -8.44 -7.12 13.06
N ASP A 60 -8.68 -8.40 13.35
CA ASP A 60 -9.31 -8.78 14.61
C ASP A 60 -8.37 -8.76 15.81
N GLU A 61 -7.12 -9.17 15.59
CA GLU A 61 -6.23 -9.40 16.72
C GLU A 61 -5.15 -8.32 16.87
N ILE A 62 -4.98 -7.49 15.85
CA ILE A 62 -3.98 -6.42 15.93
C ILE A 62 -4.60 -5.02 15.84
N VAL A 63 -5.21 -4.70 14.70
CA VAL A 63 -5.75 -3.35 14.52
C VAL A 63 -6.82 -3.01 15.55
N ALA A 64 -7.82 -3.86 15.71
CA ALA A 64 -8.94 -3.56 16.60
C ALA A 64 -8.50 -3.28 18.05
N PRO A 65 -7.75 -4.21 18.66
CA PRO A 65 -7.28 -3.95 20.03
C PRO A 65 -6.39 -2.71 20.14
N GLU A 66 -5.47 -2.51 19.18
CA GLU A 66 -4.58 -1.37 19.22
C GLU A 66 -5.40 -0.09 19.22
N LEU A 67 -6.40 -0.04 18.36
CA LEU A 67 -7.30 1.11 18.27
C LEU A 67 -8.08 1.31 19.57
N LYS A 68 -8.71 0.25 20.06
CA LYS A 68 -9.48 0.33 21.29
C LYS A 68 -8.62 0.82 22.44
N ALA A 69 -7.40 0.31 22.53
CA ALA A 69 -6.50 0.69 23.63
C ALA A 69 -6.07 2.14 23.48
N ALA A 70 -5.83 2.56 22.25
CA ALA A 70 -5.45 3.94 21.96
C ALA A 70 -6.58 4.90 22.35
N MET A 71 -7.79 4.60 21.87
CA MET A 71 -8.96 5.43 22.14
C MET A 71 -9.12 5.69 23.64
N GLU A 72 -9.06 4.62 24.43
CA GLU A 72 -9.25 4.72 25.87
C GLU A 72 -8.35 5.80 26.47
N ALA A 73 -7.16 5.98 25.91
CA ALA A 73 -6.24 7.01 26.37
C ALA A 73 -6.74 8.40 25.96
N ALA A 86 -16.70 -2.25 12.93
CA ALA A 86 -17.39 -1.16 12.25
C ALA A 86 -16.82 -0.97 10.85
N LYS A 87 -16.07 0.11 10.65
CA LYS A 87 -15.32 0.27 9.43
C LYS A 87 -14.34 -0.90 9.37
N LEU A 88 -13.87 -1.31 10.53
CA LEU A 88 -12.90 -2.39 10.64
C LEU A 88 -13.47 -3.69 10.08
N ASP A 89 -14.75 -3.94 10.31
CA ASP A 89 -15.39 -5.12 9.77
C ASP A 89 -15.31 -5.09 8.25
N GLY A 90 -15.41 -3.89 7.68
CA GLY A 90 -15.34 -3.71 6.24
C GLY A 90 -13.98 -4.04 5.67
N PHE A 91 -12.93 -3.69 6.41
CA PHE A 91 -11.58 -4.03 6.02
C PHE A 91 -11.35 -5.54 6.17
N LYS A 92 -11.76 -6.11 7.29
CA LYS A 92 -11.59 -7.55 7.51
C LYS A 92 -12.26 -8.39 6.43
N ALA A 93 -13.42 -7.92 5.94
CA ALA A 93 -14.22 -8.68 4.97
C ALA A 93 -13.55 -8.80 3.61
N ALA A 94 -12.52 -8.00 3.37
CA ALA A 94 -11.78 -8.05 2.11
C ALA A 94 -11.00 -9.35 2.00
N PHE A 95 -10.45 -9.61 0.82
CA PHE A 95 -9.69 -10.83 0.57
C PHE A 95 -8.33 -10.77 1.26
N GLY A 96 -7.72 -9.60 1.27
CA GLY A 96 -6.44 -9.47 1.92
C GLY A 96 -5.97 -8.05 2.13
N THR A 97 -4.76 -7.93 2.65
CA THR A 97 -4.15 -6.64 2.93
C THR A 97 -2.66 -6.71 2.56
N ILE A 98 -2.21 -5.72 1.79
CA ILE A 98 -0.80 -5.61 1.44
C ILE A 98 -0.18 -4.51 2.30
N LEU A 99 0.73 -4.89 3.18
CA LEU A 99 1.40 -3.91 4.03
C LEU A 99 2.69 -3.49 3.36
N PHE A 100 2.81 -2.17 3.12
CA PHE A 100 3.97 -1.59 2.44
C PHE A 100 4.94 -1.03 3.46
N PHE A 101 6.20 -1.42 3.35
CA PHE A 101 7.25 -0.91 4.24
C PHE A 101 8.38 -0.30 3.40
N GLU A 102 9.20 0.52 4.05
CA GLU A 102 10.43 0.99 3.45
C GLU A 102 11.60 0.56 4.34
N ASP A 103 12.61 -0.08 3.73
CA ASP A 103 13.73 -0.64 4.46
C ASP A 103 14.70 0.46 4.88
N GLN A 104 14.70 0.80 6.17
CA GLN A 104 15.52 1.88 6.68
C GLN A 104 17.01 1.56 6.67
N ALA A 105 17.34 0.27 6.70
CA ALA A 105 18.75 -0.13 6.68
C ALA A 105 19.39 0.28 5.35
N VAL A 106 18.62 0.16 4.27
CA VAL A 106 19.11 0.53 2.95
C VAL A 106 19.21 2.05 2.84
N VAL A 107 18.20 2.75 3.34
CA VAL A 107 18.22 4.21 3.35
C VAL A 107 19.44 4.70 4.12
N LYS A 108 19.69 4.12 5.29
CA LYS A 108 20.85 4.49 6.11
C LYS A 108 22.17 4.25 5.39
N ASN A 109 22.27 3.10 4.72
CA ASN A 109 23.48 2.75 4.00
C ASN A 109 23.75 3.72 2.85
N LEU A 110 22.69 4.14 2.17
CA LEU A 110 22.80 5.14 1.10
C LEU A 110 23.25 6.49 1.65
N GLN A 111 22.70 6.87 2.81
CA GLN A 111 23.11 8.13 3.43
C GLN A 111 24.60 8.11 3.77
N GLU A 112 25.11 6.93 4.14
CA GLU A 112 26.51 6.78 4.51
C GLU A 112 27.42 6.77 3.28
N GLN A 113 27.00 6.04 2.25
CA GLN A 113 27.83 5.86 1.07
C GLN A 113 27.92 7.15 0.26
N PHE A 114 26.80 7.87 0.19
CA PHE A 114 26.71 9.10 -0.57
C PHE A 114 26.28 10.24 0.35
N ALA A 115 27.16 10.63 1.26
CA ALA A 115 26.84 11.65 2.26
C ALA A 115 26.34 12.94 1.61
N LEU A 116 26.67 13.12 0.33
CA LEU A 116 26.24 14.29 -0.42
C LEU A 116 24.71 14.40 -0.44
N TYR A 117 24.03 13.28 -0.61
CA TYR A 117 22.58 13.27 -0.73
C TYR A 117 21.89 12.67 0.51
N ALA A 118 22.53 12.77 1.67
CA ALA A 118 22.00 12.15 2.88
C ALA A 118 20.55 12.56 3.14
N ASP A 119 20.27 13.86 3.06
CA ASP A 119 18.93 14.38 3.33
C ASP A 119 17.89 13.93 2.29
N ASN A 120 18.36 13.61 1.09
CA ASN A 120 17.46 13.24 0.01
C ASN A 120 16.89 11.83 0.12
N PHE A 121 17.68 10.90 0.64
CA PHE A 121 17.29 9.50 0.58
C PHE A 121 16.00 9.17 1.35
N PRO A 122 15.81 9.77 2.53
CA PRO A 122 14.52 9.58 3.19
C PRO A 122 13.34 10.09 2.35
N VAL A 123 13.52 11.25 1.71
CA VAL A 123 12.47 11.82 0.86
C VAL A 123 12.18 10.90 -0.32
N TRP A 124 13.24 10.46 -0.99
CA TRP A 124 13.07 9.60 -2.17
C TRP A 124 12.46 8.26 -1.79
N SER A 125 12.74 7.78 -0.59
CA SER A 125 12.14 6.54 -0.09
C SER A 125 10.64 6.70 0.12
N GLU A 126 10.25 7.84 0.67
CA GLU A 126 8.84 8.15 0.87
C GLU A 126 8.13 8.21 -0.48
N GLN A 127 8.73 8.90 -1.45
CA GLN A 127 8.18 8.94 -2.79
C GLN A 127 8.04 7.52 -3.37
N GLY A 128 9.08 6.71 -3.16
CA GLY A 128 9.07 5.33 -3.62
C GLY A 128 7.93 4.51 -3.04
N SER A 129 7.57 4.79 -1.78
CA SER A 129 6.47 4.06 -1.18
C SER A 129 5.16 4.43 -1.87
N GLY A 130 4.99 5.72 -2.16
CA GLY A 130 3.83 6.17 -2.90
C GLY A 130 3.77 5.47 -4.24
N ILE A 131 4.91 5.44 -4.91
CA ILE A 131 5.03 4.89 -6.25
C ILE A 131 4.61 3.42 -6.30
N ILE A 132 5.18 2.59 -5.43
CA ILE A 132 4.86 1.17 -5.51
C ILE A 132 3.41 0.92 -5.05
N SER A 133 2.94 1.73 -4.11
CA SER A 133 1.57 1.56 -3.61
C SER A 133 0.54 1.75 -4.71
N VAL A 134 0.67 2.82 -5.48
CA VAL A 134 -0.31 3.09 -6.53
C VAL A 134 -0.12 2.18 -7.75
N ASN A 135 1.11 1.78 -8.04
CA ASN A 135 1.31 0.82 -9.11
C ASN A 135 0.65 -0.53 -8.81
N VAL A 136 0.78 -1.03 -7.59
CA VAL A 136 0.09 -2.24 -7.17
C VAL A 136 -1.44 -2.04 -7.21
N TRP A 137 -1.90 -0.92 -6.66
CA TRP A 137 -3.31 -0.56 -6.61
C TRP A 137 -3.90 -0.61 -8.01
N THR A 138 -3.21 0.01 -8.97
CA THR A 138 -3.69 0.08 -10.33
C THR A 138 -3.62 -1.29 -11.01
N ALA A 139 -2.58 -2.06 -10.72
CA ALA A 139 -2.47 -3.40 -11.29
C ALA A 139 -3.62 -4.30 -10.81
N LEU A 140 -3.96 -4.18 -9.55
CA LEU A 140 -5.10 -4.93 -8.99
C LEU A 140 -6.41 -4.54 -9.70
N ALA A 141 -6.60 -3.24 -9.91
CA ALA A 141 -7.81 -2.78 -10.58
C ALA A 141 -7.89 -3.35 -11.99
N GLU A 142 -6.75 -3.52 -12.65
CA GLU A 142 -6.76 -4.09 -13.99
C GLU A 142 -7.19 -5.57 -13.97
N LEU A 143 -6.99 -6.23 -12.83
CA LEU A 143 -7.51 -7.59 -12.65
C LEU A 143 -8.99 -7.61 -12.29
N GLY A 144 -9.59 -6.44 -12.11
CA GLY A 144 -11.00 -6.35 -11.74
C GLY A 144 -11.23 -6.32 -10.24
N LEU A 145 -10.15 -6.24 -9.46
CA LEU A 145 -10.24 -6.18 -8.02
C LEU A 145 -10.23 -4.73 -7.55
N GLY A 146 -10.84 -4.47 -6.40
CA GLY A 146 -10.83 -3.14 -5.84
C GLY A 146 -9.89 -3.10 -4.66
N ALA A 147 -9.57 -1.89 -4.20
CA ALA A 147 -8.71 -1.73 -3.05
C ALA A 147 -8.89 -0.35 -2.45
N ASN A 148 -8.48 -0.23 -1.20
CA ASN A 148 -8.41 1.06 -0.54
C ASN A 148 -7.16 1.10 0.32
N LEU A 149 -6.63 2.30 0.55
CA LEU A 149 -5.35 2.49 1.20
C LEU A 149 -5.55 3.09 2.58
N GLN A 150 -5.07 2.40 3.62
CA GLN A 150 -5.25 2.81 5.00
C GLN A 150 -3.91 3.12 5.66
N HIS A 151 -3.96 3.82 6.78
CA HIS A 151 -2.76 4.20 7.52
C HIS A 151 -2.92 4.04 9.02
N TYR A 152 -2.81 2.80 9.48
CA TYR A 152 -2.87 2.50 10.91
C TYR A 152 -1.47 2.38 11.51
N ASN A 153 -0.47 2.71 10.70
CA ASN A 153 0.87 2.99 11.19
C ASN A 153 0.87 4.38 11.81
N PRO A 154 1.69 4.61 12.85
CA PRO A 154 2.66 3.71 13.48
C PRO A 154 2.06 2.85 14.59
N LEU A 155 0.76 2.96 14.83
CA LEU A 155 0.12 2.30 15.96
C LEU A 155 0.29 0.77 15.96
N ILE A 156 0.18 0.15 14.78
CA ILE A 156 0.20 -1.31 14.68
C ILE A 156 1.57 -1.90 14.35
N ASP A 157 2.56 -1.03 14.14
CA ASP A 157 3.89 -1.45 13.66
C ASP A 157 4.52 -2.60 14.45
N GLU A 158 4.61 -2.45 15.76
CA GLU A 158 5.30 -3.42 16.60
C GLU A 158 4.60 -4.78 16.60
N ALA A 159 3.27 -4.76 16.66
CA ALA A 159 2.48 -6.00 16.69
C ALA A 159 2.62 -6.74 15.37
N VAL A 160 2.64 -6.00 14.27
CA VAL A 160 2.80 -6.58 12.95
C VAL A 160 4.19 -7.19 12.80
N ALA A 161 5.21 -6.47 13.27
CA ALA A 161 6.58 -6.94 13.19
C ALA A 161 6.76 -8.24 13.98
N LYS A 162 6.15 -8.29 15.16
CA LYS A 162 6.26 -9.47 16.01
C LYS A 162 5.52 -10.67 15.42
N GLU A 163 4.30 -10.45 14.94
CA GLU A 163 3.46 -11.55 14.48
C GLU A 163 4.07 -12.25 13.26
N TRP A 164 4.61 -11.46 12.33
CA TRP A 164 5.15 -12.02 11.09
C TRP A 164 6.69 -11.95 11.05
N ASN A 165 7.29 -11.81 12.22
CA ASN A 165 8.74 -11.84 12.38
C ASN A 165 9.46 -11.02 11.33
N LEU A 166 9.12 -9.74 11.26
CA LEU A 166 9.71 -8.83 10.28
C LEU A 166 10.94 -8.17 10.84
N PRO A 167 11.89 -7.80 9.96
CA PRO A 167 13.07 -7.07 10.42
C PRO A 167 12.69 -5.72 11.02
N GLU A 168 13.41 -5.32 12.05
CA GLU A 168 13.22 -4.03 12.68
C GLU A 168 13.35 -2.89 11.68
N SER A 169 14.18 -3.08 10.66
CA SER A 169 14.45 -2.01 9.69
C SER A 169 13.31 -1.75 8.72
N TRP A 170 12.30 -2.60 8.70
CA TRP A 170 11.13 -2.37 7.85
C TRP A 170 10.17 -1.36 8.48
N LYS A 171 10.05 -0.19 7.88
CA LYS A 171 9.21 0.87 8.42
C LYS A 171 7.86 0.91 7.71
N LEU A 172 6.79 0.60 8.44
CA LEU A 172 5.47 0.49 7.84
C LEU A 172 4.97 1.84 7.36
N ARG A 173 4.49 1.90 6.12
CA ARG A 173 4.02 3.15 5.52
C ARG A 173 2.54 3.17 5.13
N GLY A 174 1.98 2.02 4.79
CA GLY A 174 0.61 1.97 4.30
C GLY A 174 0.08 0.55 4.25
N GLN A 175 -1.25 0.41 4.23
CA GLN A 175 -1.88 -0.89 4.15
C GLN A 175 -2.98 -0.86 3.09
N LEU A 176 -2.73 -1.56 1.97
CA LEU A 176 -3.67 -1.60 0.87
C LEU A 176 -4.58 -2.80 1.01
N VAL A 177 -5.83 -2.54 1.37
CA VAL A 177 -6.83 -3.57 1.53
C VAL A 177 -7.45 -3.86 0.16
N PHE A 178 -7.58 -5.14 -0.20
CA PHE A 178 -8.03 -5.47 -1.54
C PHE A 178 -8.95 -6.68 -1.58
N GLY A 179 -9.76 -6.75 -2.63
CA GLY A 179 -10.67 -7.87 -2.79
C GLY A 179 -11.63 -7.64 -3.95
N SER A 180 -12.70 -8.43 -4.00
CA SER A 180 -13.68 -8.30 -5.06
C SER A 180 -14.53 -7.04 -4.84
N ILE A 181 -14.91 -6.38 -5.92
CA ILE A 181 -15.70 -5.16 -5.83
C ILE A 181 -17.16 -5.48 -5.56
N GLU A 182 -17.68 -4.99 -4.44
CA GLU A 182 -19.05 -5.32 -4.04
C GLU A 182 -19.98 -4.11 -4.13
N ALA A 183 -19.39 -2.93 -4.32
CA ALA A 183 -20.16 -1.74 -4.65
C ALA A 183 -19.24 -0.74 -5.35
N PRO A 184 -19.81 0.10 -6.21
CA PRO A 184 -18.98 1.02 -7.00
C PRO A 184 -18.37 2.13 -6.18
N ALA A 185 -17.32 2.73 -6.74
CA ALA A 185 -16.65 3.86 -6.11
C ALA A 185 -17.63 5.03 -6.04
N GLY A 186 -17.37 5.95 -5.12
CA GLY A 186 -18.20 7.14 -5.00
C GLY A 186 -17.83 8.19 -6.04
N GLU A 187 -18.51 9.33 -5.97
CA GLU A 187 -18.23 10.45 -6.85
C GLU A 187 -16.89 11.07 -6.50
N LYS A 188 -16.20 11.62 -7.49
CA LYS A 188 -14.94 12.30 -7.26
C LYS A 188 -14.86 13.54 -8.13
N THR A 189 -14.36 14.61 -7.55
CA THR A 189 -14.19 15.86 -8.29
C THR A 189 -12.73 16.10 -8.63
N PHE A 190 -12.50 17.04 -9.53
CA PHE A 190 -11.17 17.40 -9.97
C PHE A 190 -11.05 18.93 -9.94
N MET A 191 -9.88 19.41 -9.56
CA MET A 191 -9.53 20.83 -9.63
C MET A 191 -9.58 21.36 -11.05
N ASP A 192 -9.63 22.68 -11.15
CA ASP A 192 -9.44 23.39 -12.42
C ASP A 192 -8.01 23.20 -12.93
N ASP A 193 -7.87 22.68 -14.15
CA ASP A 193 -6.56 22.59 -14.80
C ASP A 193 -5.73 23.87 -14.61
N ALA A 194 -6.39 25.02 -14.74
CA ALA A 194 -5.70 26.30 -14.77
C ALA A 194 -4.97 26.58 -13.47
N ASP A 195 -5.40 25.94 -12.39
CA ASP A 195 -4.81 26.16 -11.09
C ASP A 195 -3.64 25.22 -10.76
N ARG A 196 -3.37 24.24 -11.60
CA ARG A 196 -2.25 23.32 -11.33
C ARG A 196 -1.34 23.00 -12.50
N PHE A 197 -1.69 23.43 -13.71
CA PHE A 197 -0.78 23.26 -14.85
C PHE A 197 -0.46 24.59 -15.51
N ILE A 198 0.84 24.87 -15.62
CA ILE A 198 1.32 26.02 -16.39
C ILE A 198 2.19 25.50 -17.51
N VAL A 199 1.89 25.91 -18.74
CA VAL A 199 2.70 25.52 -19.89
C VAL A 199 3.40 26.76 -20.46
N ALA A 200 4.71 26.67 -20.67
CA ALA A 200 5.48 27.77 -21.23
C ALA A 200 6.34 27.30 -22.38
N LYS A 201 6.49 28.14 -23.41
CA LYS A 201 7.24 27.77 -24.60
C LYS A 201 8.49 28.65 -24.74
#